data_3RQB
#
_entry.id   3RQB
#
_cell.length_a   109.645
_cell.length_b   109.645
_cell.length_c   192.614
_cell.angle_alpha   90.00
_cell.angle_beta   90.00
_cell.angle_gamma   120.00
#
_symmetry.space_group_name_H-M   'P 63 2 2'
#
loop_
_entity.id
_entity.type
_entity.pdbx_description
1 polymer 'Uncharacterized protein'
2 non-polymer 'CHLORIDE ION'
3 water water
#
_entity_poly.entity_id   1
_entity_poly.type   'polypeptide(L)'
_entity_poly.pdbx_seq_one_letter_code
;SNA(MSE)SQLVTHAFDDATALSFDGRQFHGQVKAEYYN(MSE)VGPFGGITAAT(MSE)LKAA(MSE)SHPERLGQPLA
LTVNFAAPAKVAPFVIEAVPVRTNRSTQHFTLT(MSE)(MSE)QDGEVVTTATAVFGIRRESWSHTEAV(MSE)PDVPPP
ADVPRFVAPAPLPW(MSE)QWYHVRLIRGSAFDEVQDATTYQW(MSE)RDDPPRPLDHAALAALCDTFVPRVYVKLKRPV
PIGTVTFTVYFLADPETIFRQGTNELLGVARATGFSHGYFDQIGEVWSQDGDLLATTTQLVY(MSE)KAPVSGSS
;
_entity_poly.pdbx_strand_id   A,B
#
# COMPACT_ATOMS: atom_id res chain seq x y z
N VAL A 8 7.56 -32.30 15.95
CA VAL A 8 7.78 -31.00 16.59
C VAL A 8 7.38 -29.83 15.68
N THR A 9 6.44 -29.02 16.16
CA THR A 9 5.90 -27.91 15.37
C THR A 9 6.87 -26.72 15.26
N HIS A 10 6.65 -25.88 14.25
CA HIS A 10 7.47 -24.69 14.06
C HIS A 10 6.85 -23.43 14.69
N ALA A 11 7.69 -22.65 15.36
CA ALA A 11 7.26 -21.48 16.14
C ALA A 11 6.34 -20.54 15.38
N PHE A 12 6.71 -20.26 14.14
CA PHE A 12 5.88 -19.42 13.30
C PHE A 12 4.52 -20.06 13.23
N ASP A 13 4.52 -21.36 13.00
CA ASP A 13 3.28 -22.13 12.88
C ASP A 13 2.56 -22.21 14.21
N ASP A 14 3.33 -22.00 15.28
CA ASP A 14 2.79 -21.96 16.62
C ASP A 14 2.11 -20.62 16.84
N ALA A 15 2.75 -19.58 16.34
CA ALA A 15 2.32 -18.19 16.49
C ALA A 15 1.04 -17.89 15.73
N THR A 16 0.93 -18.46 14.53
CA THR A 16 -0.18 -18.21 13.62
C THR A 16 -1.29 -19.24 13.74
N ALA A 17 -1.11 -20.19 14.65
CA ALA A 17 -2.11 -21.22 14.84
C ALA A 17 -3.41 -20.61 15.39
N LEU A 18 -4.51 -20.88 14.70
CA LEU A 18 -5.82 -20.33 15.03
C LEU A 18 -6.85 -21.44 15.14
N SER A 19 -7.88 -21.22 15.95
CA SER A 19 -8.99 -22.16 16.06
C SER A 19 -10.32 -21.48 15.76
N PHE A 20 -11.12 -22.14 14.93
CA PHE A 20 -12.37 -21.55 14.49
C PHE A 20 -13.52 -22.04 15.36
N ASP A 21 -14.24 -21.09 15.97
CA ASP A 21 -15.39 -21.41 16.80
C ASP A 21 -16.70 -21.36 16.01
N GLY A 22 -16.59 -21.15 14.71
CA GLY A 22 -17.73 -21.07 13.81
C GLY A 22 -18.10 -19.65 13.44
N ARG A 23 -17.72 -18.70 14.30
CA ARG A 23 -17.96 -17.27 14.07
C ARG A 23 -16.61 -16.53 13.93
N GLN A 24 -15.79 -16.64 14.97
CA GLN A 24 -14.50 -15.95 15.03
C GLN A 24 -13.31 -16.91 15.08
N PHE A 25 -12.12 -16.33 15.11
CA PHE A 25 -10.90 -17.08 15.32
C PHE A 25 -10.30 -16.71 16.65
N HIS A 26 -9.68 -17.70 17.27
CA HIS A 26 -9.05 -17.51 18.57
C HIS A 26 -7.58 -17.93 18.50
N GLY A 27 -6.72 -17.04 18.95
CA GLY A 27 -5.30 -17.31 18.91
C GLY A 27 -4.68 -16.59 20.08
N GLN A 28 -3.37 -16.67 20.19
CA GLN A 28 -2.69 -16.06 21.30
C GLN A 28 -1.44 -15.36 20.83
N VAL A 29 -1.34 -14.06 21.14
CA VAL A 29 -0.07 -13.37 20.93
C VAL A 29 1.01 -14.09 21.75
N LYS A 30 2.14 -14.37 21.12
CA LYS A 30 3.19 -15.12 21.79
C LYS A 30 4.46 -14.28 21.95
N ALA A 31 5.00 -14.27 23.17
CA ALA A 31 6.14 -13.41 23.50
C ALA A 31 7.41 -13.77 22.75
N GLU A 32 7.53 -15.04 22.38
CA GLU A 32 8.64 -15.49 21.55
C GLU A 32 8.75 -14.57 20.34
N TYR A 33 7.60 -14.06 19.90
CA TYR A 33 7.53 -13.08 18.81
C TYR A 33 7.47 -11.62 19.26
N TYR A 34 7.64 -11.35 20.55
CA TYR A 34 7.58 -9.97 20.98
C TYR A 34 8.66 -9.12 20.31
N ASN A 35 8.35 -7.84 20.21
CA ASN A 35 9.25 -6.80 19.79
C ASN A 35 9.26 -5.90 21.02
N VAL A 37 8.53 -2.86 21.64
CA VAL A 37 7.41 -1.91 21.68
C VAL A 37 6.05 -2.58 21.94
N GLY A 38 5.86 -3.74 21.32
CA GLY A 38 4.63 -4.53 21.35
C GLY A 38 4.99 -5.78 20.54
N PRO A 39 4.00 -6.49 20.00
CA PRO A 39 4.47 -7.66 19.25
C PRO A 39 5.02 -7.31 17.85
N PHE A 40 5.55 -8.30 17.16
CA PHE A 40 6.21 -8.11 15.87
C PHE A 40 5.20 -7.93 14.76
N GLY A 41 5.35 -6.85 13.99
CA GLY A 41 4.41 -6.53 12.93
C GLY A 41 4.18 -7.69 11.98
N GLY A 42 5.28 -8.22 11.44
CA GLY A 42 5.24 -9.32 10.49
C GLY A 42 4.44 -10.50 10.98
N ILE A 43 4.70 -10.95 12.21
CA ILE A 43 3.95 -12.08 12.76
C ILE A 43 2.49 -11.72 12.86
N THR A 44 2.22 -10.48 13.28
CA THR A 44 0.87 -9.99 13.42
C THR A 44 0.17 -10.07 12.07
N ALA A 45 0.79 -9.43 11.10
CA ALA A 45 0.31 -9.40 9.72
C ALA A 45 0.01 -10.80 9.20
N ALA A 46 0.97 -11.70 9.38
CA ALA A 46 0.82 -13.08 8.92
C ALA A 46 -0.47 -13.70 9.43
N THR A 47 -0.65 -13.64 10.74
CA THR A 47 -1.84 -14.18 11.37
C THR A 47 -3.12 -13.66 10.69
N LEU A 49 -3.67 -12.71 7.68
CA LEU A 49 -3.82 -13.46 6.45
C LEU A 49 -4.16 -14.93 6.68
N LYS A 50 -3.50 -15.54 7.67
CA LYS A 50 -3.83 -16.89 8.08
C LYS A 50 -5.32 -17.03 8.35
N ALA A 51 -5.89 -16.01 8.99
CA ALA A 51 -7.32 -16.01 9.24
C ALA A 51 -8.09 -16.18 7.94
N ALA A 52 -7.87 -15.28 6.99
CA ALA A 52 -8.58 -15.35 5.71
C ALA A 52 -8.39 -16.68 4.96
N SER A 54 -7.82 -19.51 6.23
CA SER A 54 -8.39 -20.56 7.06
C SER A 54 -9.90 -20.50 7.11
N HIS A 55 -10.45 -19.43 6.54
CA HIS A 55 -11.89 -19.25 6.51
C HIS A 55 -12.50 -20.34 5.64
N PRO A 56 -13.65 -20.87 6.08
CA PRO A 56 -14.43 -21.87 5.36
C PRO A 56 -14.78 -21.40 3.96
N GLU A 57 -14.97 -20.10 3.81
CA GLU A 57 -15.43 -19.54 2.55
C GLU A 57 -14.32 -19.05 1.62
N ARG A 58 -13.07 -19.14 2.06
CA ARG A 58 -11.96 -18.69 1.23
C ARG A 58 -12.02 -19.32 -0.15
N LEU A 59 -11.76 -18.50 -1.15
CA LEU A 59 -11.68 -18.96 -2.52
C LEU A 59 -10.48 -18.28 -3.16
N GLY A 60 -9.64 -19.09 -3.79
CA GLY A 60 -8.49 -18.59 -4.50
C GLY A 60 -7.31 -18.51 -3.57
N GLN A 61 -6.27 -17.81 -4.04
CA GLN A 61 -5.00 -17.68 -3.36
C GLN A 61 -4.71 -16.21 -3.09
N PRO A 62 -3.82 -15.94 -2.14
CA PRO A 62 -3.56 -14.55 -1.75
C PRO A 62 -3.03 -13.68 -2.89
N LEU A 63 -3.54 -12.45 -2.95
CA LEU A 63 -3.13 -11.47 -3.95
C LEU A 63 -2.49 -10.29 -3.24
N ALA A 64 -3.26 -9.67 -2.36
CA ALA A 64 -2.79 -8.49 -1.60
C ALA A 64 -3.32 -8.43 -0.16
N LEU A 65 -2.54 -7.81 0.74
CA LEU A 65 -2.98 -7.62 2.12
C LEU A 65 -2.49 -6.29 2.66
N THR A 66 -3.38 -5.55 3.33
CA THR A 66 -3.01 -4.30 3.99
C THR A 66 -3.44 -4.40 5.45
N VAL A 67 -2.53 -4.02 6.35
CA VAL A 67 -2.78 -4.17 7.77
C VAL A 67 -2.48 -2.87 8.50
N ASN A 68 -3.41 -2.49 9.37
CA ASN A 68 -3.25 -1.29 10.19
C ASN A 68 -3.16 -1.70 11.64
N PHE A 69 -2.19 -1.15 12.36
CA PHE A 69 -2.10 -1.49 13.76
C PHE A 69 -2.69 -0.35 14.55
N ALA A 70 -3.91 -0.57 15.04
CA ALA A 70 -4.63 0.46 15.74
C ALA A 70 -3.93 0.72 17.06
N ALA A 71 -3.59 -0.37 17.72
CA ALA A 71 -2.89 -0.32 18.97
C ALA A 71 -1.96 -1.52 19.00
N PRO A 72 -0.79 -1.37 19.63
CA PRO A 72 0.09 -2.53 19.83
C PRO A 72 -0.62 -3.58 20.68
N ALA A 73 -0.66 -4.83 20.21
CA ALA A 73 -1.39 -5.88 20.93
C ALA A 73 -0.65 -6.33 22.18
N LYS A 74 -1.40 -6.56 23.25
CA LYS A 74 -0.83 -7.12 24.47
C LYS A 74 -0.56 -8.61 24.30
N VAL A 75 0.28 -9.19 25.16
CA VAL A 75 0.54 -10.61 24.99
C VAL A 75 -0.51 -11.39 25.74
N ALA A 76 -1.40 -11.98 24.96
CA ALA A 76 -2.67 -12.42 25.46
C ALA A 76 -3.42 -13.04 24.32
N PRO A 77 -4.54 -13.70 24.65
CA PRO A 77 -5.48 -14.22 23.66
C PRO A 77 -6.22 -13.10 22.93
N PHE A 78 -6.66 -13.40 21.70
CA PHE A 78 -7.42 -12.47 20.90
C PHE A 78 -8.44 -13.20 20.06
N VAL A 79 -9.40 -12.47 19.50
CA VAL A 79 -10.28 -13.01 18.49
C VAL A 79 -10.09 -12.24 17.20
N ILE A 80 -10.35 -12.89 16.08
CA ILE A 80 -10.31 -12.21 14.79
C ILE A 80 -11.62 -12.44 14.05
N GLU A 81 -12.23 -11.34 13.63
CA GLU A 81 -13.39 -11.44 12.77
C GLU A 81 -12.89 -11.22 11.35
N ALA A 82 -12.91 -12.30 10.58
CA ALA A 82 -12.54 -12.25 9.18
C ALA A 82 -13.82 -12.34 8.38
N VAL A 83 -14.11 -11.31 7.61
CA VAL A 83 -15.34 -11.32 6.81
C VAL A 83 -15.07 -11.27 5.32
N PRO A 84 -15.52 -12.31 4.61
CA PRO A 84 -15.51 -12.40 3.14
C PRO A 84 -16.57 -11.45 2.58
N VAL A 85 -16.19 -10.19 2.51
CA VAL A 85 -17.10 -9.10 2.24
C VAL A 85 -17.77 -9.16 0.86
N ARG A 86 -17.03 -9.66 -0.14
CA ARG A 86 -17.60 -9.91 -1.44
C ARG A 86 -16.91 -11.13 -2.07
N THR A 87 -17.69 -12.01 -2.69
CA THR A 87 -17.12 -13.17 -3.38
C THR A 87 -17.52 -13.12 -4.83
N ASN A 88 -16.54 -12.90 -5.70
CA ASN A 88 -16.81 -12.86 -7.12
C ASN A 88 -16.43 -14.18 -7.75
N ARG A 89 -16.63 -14.27 -9.05
CA ARG A 89 -16.27 -15.47 -9.77
C ARG A 89 -14.80 -15.79 -9.51
N SER A 90 -13.92 -14.97 -10.04
CA SER A 90 -12.50 -15.25 -10.01
C SER A 90 -11.75 -14.54 -8.89
N THR A 91 -12.47 -13.74 -8.11
CA THR A 91 -11.79 -12.89 -7.11
C THR A 91 -12.62 -12.66 -5.83
N GLN A 92 -11.95 -12.45 -4.70
CA GLN A 92 -12.64 -12.31 -3.41
C GLN A 92 -11.96 -11.36 -2.42
N HIS A 93 -12.75 -10.66 -1.61
CA HIS A 93 -12.20 -9.64 -0.69
C HIS A 93 -12.58 -9.86 0.77
N PHE A 94 -11.60 -9.73 1.66
CA PHE A 94 -11.81 -9.86 3.10
C PHE A 94 -11.58 -8.55 3.86
N THR A 95 -12.29 -8.41 4.97
CA THR A 95 -11.98 -7.40 5.95
C THR A 95 -11.81 -8.12 7.26
N LEU A 96 -10.70 -7.83 7.94
CA LEU A 96 -10.38 -8.57 9.16
C LEU A 96 -10.21 -7.62 10.32
N THR A 97 -10.60 -8.08 11.50
CA THR A 97 -10.44 -7.29 12.70
C THR A 97 -9.97 -8.13 13.87
N GLN A 100 -8.63 -7.53 21.21
CA GLN A 100 -8.28 -7.98 22.53
C GLN A 100 -9.11 -7.22 23.57
N ASP A 101 -10.01 -7.95 24.22
CA ASP A 101 -10.91 -7.40 25.22
C ASP A 101 -11.92 -6.41 24.64
N GLY A 102 -12.42 -6.71 23.45
CA GLY A 102 -13.47 -5.91 22.87
C GLY A 102 -13.00 -4.55 22.36
N GLU A 103 -11.74 -4.21 22.60
CA GLU A 103 -11.13 -3.04 21.97
C GLU A 103 -10.33 -3.50 20.74
N VAL A 104 -10.46 -2.80 19.63
CA VAL A 104 -9.73 -3.18 18.42
C VAL A 104 -8.23 -2.89 18.47
N VAL A 105 -7.47 -3.93 18.19
CA VAL A 105 -6.03 -3.88 18.16
C VAL A 105 -5.56 -3.64 16.75
N THR A 106 -5.99 -4.53 15.86
CA THR A 106 -5.54 -4.55 14.48
C THR A 106 -6.66 -4.80 13.47
N THR A 107 -6.59 -4.12 12.32
CA THR A 107 -7.48 -4.40 11.19
C THR A 107 -6.70 -4.75 9.93
N ALA A 108 -7.38 -5.33 8.96
CA ALA A 108 -6.74 -5.61 7.68
C ALA A 108 -7.75 -5.80 6.56
N THR A 109 -7.28 -5.62 5.33
CA THR A 109 -8.07 -5.96 4.14
C THR A 109 -7.22 -6.85 3.21
N ALA A 110 -7.77 -8.01 2.88
CA ALA A 110 -7.06 -8.95 2.01
C ALA A 110 -7.82 -9.15 0.70
N VAL A 111 -7.10 -9.52 -0.34
CA VAL A 111 -7.69 -9.85 -1.61
C VAL A 111 -7.22 -11.23 -2.00
N PHE A 112 -8.15 -12.14 -2.27
CA PHE A 112 -7.79 -13.41 -2.86
C PHE A 112 -8.17 -13.42 -4.33
N GLY A 113 -7.84 -14.50 -5.04
CA GLY A 113 -8.12 -14.58 -6.46
C GLY A 113 -7.21 -15.56 -7.17
N ILE A 114 -7.50 -15.82 -8.44
CA ILE A 114 -6.72 -16.80 -9.18
C ILE A 114 -5.76 -16.19 -10.21
N ARG A 115 -4.52 -16.70 -10.18
CA ARG A 115 -3.48 -16.32 -11.12
C ARG A 115 -3.56 -17.22 -12.34
N ARG A 116 -3.70 -16.62 -13.52
CA ARG A 116 -3.75 -17.37 -14.77
C ARG A 116 -2.52 -17.14 -15.64
N GLU A 117 -2.14 -18.15 -16.42
CA GLU A 117 -0.97 -18.00 -17.25
C GLU A 117 -1.20 -16.85 -18.21
N SER A 118 -0.20 -15.98 -18.32
CA SER A 118 -0.35 -14.74 -19.07
C SER A 118 1.02 -14.16 -19.38
N TRP A 119 1.02 -13.03 -20.09
CA TRP A 119 2.27 -12.36 -20.44
C TRP A 119 3.08 -11.95 -19.21
N SER A 120 4.40 -12.06 -19.32
CA SER A 120 5.29 -11.68 -18.23
C SER A 120 6.47 -10.83 -18.68
N HIS A 121 6.67 -9.71 -17.96
CA HIS A 121 7.94 -8.99 -17.98
C HIS A 121 8.17 -8.39 -16.60
N THR A 122 9.42 -8.23 -16.21
CA THR A 122 9.70 -7.59 -14.92
C THR A 122 10.53 -6.32 -15.14
N GLU A 123 9.98 -5.18 -14.74
CA GLU A 123 10.57 -3.88 -15.05
C GLU A 123 11.79 -3.55 -14.21
N ALA A 124 11.67 -3.71 -12.89
CA ALA A 124 12.70 -3.29 -11.96
C ALA A 124 13.93 -4.18 -12.02
N VAL A 125 15.08 -3.61 -11.65
CA VAL A 125 16.33 -4.35 -11.74
C VAL A 125 16.73 -4.93 -10.39
N PRO A 127 19.33 -5.98 -8.01
CA PRO A 127 20.71 -5.55 -7.82
C PRO A 127 21.68 -6.72 -7.97
N ASP A 128 22.93 -6.41 -8.29
CA ASP A 128 23.95 -7.44 -8.31
C ASP A 128 24.55 -7.48 -6.91
N VAL A 129 24.34 -8.60 -6.23
CA VAL A 129 24.84 -8.77 -4.88
C VAL A 129 25.51 -10.12 -4.78
N PRO A 130 26.38 -10.29 -3.76
CA PRO A 130 26.99 -11.60 -3.51
C PRO A 130 25.93 -12.64 -3.17
N PRO A 131 26.16 -13.89 -3.57
CA PRO A 131 25.23 -14.95 -3.17
C PRO A 131 25.22 -15.03 -1.66
N PRO A 132 24.19 -15.69 -1.12
CA PRO A 132 24.13 -15.85 0.34
C PRO A 132 25.45 -16.35 0.91
N ALA A 133 26.06 -17.36 0.28
CA ALA A 133 27.26 -18.01 0.82
C ALA A 133 28.37 -17.04 1.22
N ASP A 134 28.61 -16.04 0.38
CA ASP A 134 29.72 -15.10 0.53
C ASP A 134 29.37 -13.89 1.38
N VAL A 135 28.17 -13.90 1.96
CA VAL A 135 27.73 -12.88 2.92
C VAL A 135 27.52 -13.47 4.34
N PRO A 136 28.20 -12.92 5.35
CA PRO A 136 28.02 -13.58 6.66
C PRO A 136 26.65 -13.25 7.29
N ARG A 137 26.10 -14.20 8.02
CA ARG A 137 24.85 -13.97 8.76
C ARG A 137 25.03 -12.87 9.78
N PHE A 138 24.13 -11.90 9.76
CA PHE A 138 24.25 -10.79 10.69
C PHE A 138 23.39 -10.98 11.91
N VAL A 139 24.06 -11.20 13.03
CA VAL A 139 23.37 -11.32 14.30
C VAL A 139 23.50 -10.02 15.07
N ALA A 140 22.37 -9.38 15.33
CA ALA A 140 22.31 -8.09 16.00
C ALA A 140 22.77 -8.16 17.47
N PRO A 141 23.47 -7.11 17.92
CA PRO A 141 24.03 -6.99 19.27
C PRO A 141 22.97 -7.08 20.37
N ALA A 142 21.87 -6.34 20.22
CA ALA A 142 20.72 -6.54 21.09
C ALA A 142 19.58 -7.08 20.23
N PRO A 143 19.32 -8.38 20.34
CA PRO A 143 18.25 -9.04 19.58
C PRO A 143 16.89 -8.87 20.24
N LEU A 144 15.83 -8.69 19.45
CA LEU A 144 14.49 -8.77 19.99
C LEU A 144 14.04 -10.22 19.87
N PRO A 145 13.07 -10.63 20.70
CA PRO A 145 12.68 -12.05 20.76
C PRO A 145 12.33 -12.60 19.38
N TRP A 146 11.60 -11.80 18.59
CA TRP A 146 11.20 -12.20 17.24
C TRP A 146 12.38 -12.42 16.31
N GLN A 148 15.19 -14.11 16.72
CA GLN A 148 15.84 -15.43 16.75
C GLN A 148 15.23 -16.35 15.71
N TRP A 149 14.10 -15.93 15.16
CA TRP A 149 13.33 -16.73 14.21
C TRP A 149 13.66 -16.45 12.73
N TYR A 150 14.68 -15.63 12.50
CA TYR A 150 15.11 -15.32 11.14
C TYR A 150 16.62 -15.32 10.99
N HIS A 151 17.07 -15.72 9.80
CA HIS A 151 18.48 -15.76 9.43
C HIS A 151 18.76 -14.63 8.45
N VAL A 152 19.53 -13.63 8.86
CA VAL A 152 19.76 -12.47 7.99
C VAL A 152 21.23 -12.16 7.66
N ARG A 153 21.59 -12.30 6.40
CA ARG A 153 22.88 -11.83 5.91
C ARG A 153 22.68 -10.44 5.32
N LEU A 154 23.42 -9.46 5.85
CA LEU A 154 23.17 -8.07 5.54
C LEU A 154 24.25 -7.49 4.62
N ILE A 155 23.85 -7.18 3.39
CA ILE A 155 24.79 -6.70 2.39
C ILE A 155 25.08 -5.20 2.43
N ARG A 156 24.03 -4.40 2.61
CA ARG A 156 24.15 -2.95 2.58
C ARG A 156 23.11 -2.35 3.50
N GLY A 157 23.31 -1.10 3.87
CA GLY A 157 22.27 -0.37 4.58
C GLY A 157 21.92 -0.78 6.01
N SER A 158 22.88 -0.69 6.91
CA SER A 158 22.56 -0.80 8.33
C SER A 158 22.83 0.55 9.04
N ALA A 159 22.45 0.63 10.31
CA ALA A 159 22.66 1.86 11.07
C ALA A 159 24.14 1.96 11.45
N PHE A 160 24.84 0.83 11.40
CA PHE A 160 26.28 0.77 11.66
C PHE A 160 27.12 1.01 10.40
N ASP A 161 26.45 0.97 9.25
CA ASP A 161 27.10 1.17 7.95
C ASP A 161 27.60 2.59 7.74
N GLU A 162 28.48 2.75 6.77
CA GLU A 162 28.93 4.08 6.40
C GLU A 162 27.98 4.75 5.40
N VAL A 163 26.93 4.05 5.00
CA VAL A 163 26.08 4.50 3.89
C VAL A 163 25.37 5.83 4.13
N GLN A 164 25.25 6.62 3.07
CA GLN A 164 24.67 7.96 3.14
C GLN A 164 23.19 7.99 2.79
N ASP A 165 22.58 6.82 2.58
CA ASP A 165 21.18 6.77 2.21
C ASP A 165 20.36 5.78 3.06
N ALA A 166 19.11 5.58 2.65
CA ALA A 166 18.17 4.73 3.37
C ALA A 166 18.06 3.29 2.87
N THR A 167 18.90 2.90 1.93
CA THR A 167 18.71 1.65 1.19
C THR A 167 19.44 0.39 1.70
N THR A 168 18.67 -0.67 1.93
CA THR A 168 19.18 -1.91 2.51
C THR A 168 19.07 -3.07 1.53
N TYR A 169 20.14 -3.87 1.43
CA TYR A 169 20.07 -5.17 0.74
C TYR A 169 20.41 -6.27 1.75
N GLN A 170 19.66 -7.38 1.69
CA GLN A 170 19.94 -8.48 2.60
C GLN A 170 19.39 -9.82 2.10
N TRP A 171 19.90 -10.88 2.72
CA TRP A 171 19.41 -12.21 2.45
C TRP A 171 18.63 -12.63 3.69
N ARG A 173 15.75 -15.71 5.44
CA ARG A 173 14.90 -16.91 5.49
C ARG A 173 14.56 -17.16 6.96
N ASP A 174 13.49 -17.90 7.21
CA ASP A 174 13.11 -18.20 8.58
C ASP A 174 14.15 -19.11 9.19
N ASP A 175 14.42 -18.97 10.49
CA ASP A 175 15.25 -19.93 11.21
C ASP A 175 14.41 -20.47 12.37
N PRO A 176 14.45 -21.79 12.60
CA PRO A 176 15.06 -22.76 11.68
C PRO A 176 14.23 -22.83 10.40
N PRO A 177 14.82 -23.35 9.32
CA PRO A 177 14.18 -23.28 8.00
C PRO A 177 12.77 -23.85 7.98
N ARG A 178 11.87 -23.18 7.27
CA ARG A 178 10.57 -23.77 6.92
C ARG A 178 10.18 -23.43 5.49
N PRO A 179 9.56 -24.39 4.80
CA PRO A 179 9.14 -24.21 3.40
C PRO A 179 8.30 -22.95 3.26
N LEU A 180 8.69 -22.10 2.32
CA LEU A 180 8.08 -20.78 2.17
C LEU A 180 6.61 -20.85 1.74
N ASP A 181 5.76 -20.08 2.41
CA ASP A 181 4.39 -19.89 1.94
C ASP A 181 4.03 -18.41 2.02
N HIS A 182 2.78 -18.09 1.70
CA HIS A 182 2.36 -16.70 1.58
C HIS A 182 2.52 -15.96 2.90
N ALA A 183 2.03 -16.56 3.98
CA ALA A 183 2.10 -15.92 5.29
C ALA A 183 3.56 -15.66 5.66
N ALA A 184 4.40 -16.66 5.45
CA ALA A 184 5.82 -16.53 5.74
C ALA A 184 6.40 -15.36 4.96
N LEU A 185 6.09 -15.33 3.66
CA LEU A 185 6.51 -14.27 2.78
C LEU A 185 6.14 -12.89 3.33
N ALA A 186 4.89 -12.75 3.74
CA ALA A 186 4.41 -11.49 4.29
C ALA A 186 5.26 -11.02 5.47
N ALA A 187 5.45 -11.93 6.41
CA ALA A 187 6.21 -11.60 7.60
C ALA A 187 7.57 -11.06 7.19
N LEU A 188 8.20 -11.78 6.29
CA LEU A 188 9.55 -11.43 5.87
C LEU A 188 9.68 -9.98 5.42
N CYS A 189 8.58 -9.39 5.00
CA CYS A 189 8.59 -8.00 4.57
C CYS A 189 8.68 -6.98 5.72
N ASP A 190 8.45 -7.40 6.95
CA ASP A 190 8.65 -6.49 8.08
C ASP A 190 10.02 -6.70 8.70
N THR A 191 10.82 -7.52 8.04
CA THR A 191 12.17 -7.80 8.49
C THR A 191 13.19 -6.64 8.44
N PHE A 192 12.95 -5.64 7.59
CA PHE A 192 13.88 -4.52 7.44
C PHE A 192 14.04 -3.59 8.66
N VAL A 193 15.28 -3.38 9.06
CA VAL A 193 15.56 -2.34 10.05
C VAL A 193 14.89 -1.05 9.60
N PRO A 194 14.20 -0.39 10.52
CA PRO A 194 13.42 0.76 10.07
C PRO A 194 14.32 1.72 9.32
N ARG A 195 13.83 2.22 8.20
CA ARG A 195 14.64 3.04 7.32
C ARG A 195 15.38 4.12 8.10
N VAL A 196 14.72 4.65 9.13
CA VAL A 196 15.21 5.81 9.84
C VAL A 196 16.48 5.56 10.66
N TYR A 197 16.71 4.32 11.07
CA TYR A 197 17.95 3.98 11.75
C TYR A 197 19.07 4.09 10.75
N VAL A 198 18.81 3.51 9.59
CA VAL A 198 19.83 3.38 8.56
C VAL A 198 20.39 4.73 8.11
N LYS A 199 19.53 5.74 8.05
CA LYS A 199 19.92 7.06 7.60
C LYS A 199 20.63 7.80 8.72
N LEU A 200 20.04 7.72 9.91
CA LEU A 200 20.47 8.53 11.03
C LEU A 200 21.52 7.83 11.84
N LYS A 201 21.75 6.57 11.47
CA LYS A 201 22.81 5.78 12.09
C LYS A 201 22.64 5.71 13.62
N ARG A 202 21.42 5.94 14.10
CA ARG A 202 21.13 5.76 15.51
C ARG A 202 19.69 5.34 15.66
N PRO A 203 19.38 4.56 16.69
CA PRO A 203 18.00 4.14 16.97
C PRO A 203 17.13 5.27 17.52
N VAL A 204 15.92 5.39 16.96
CA VAL A 204 14.88 6.24 17.54
C VAL A 204 13.58 5.46 17.72
N PRO A 205 12.65 6.01 18.52
CA PRO A 205 11.32 5.43 18.69
C PRO A 205 10.54 5.34 17.37
N ILE A 206 9.94 4.19 17.10
CA ILE A 206 9.12 4.05 15.91
C ILE A 206 7.94 3.11 16.09
N GLY A 207 6.94 3.25 15.21
CA GLY A 207 5.90 2.26 15.11
C GLY A 207 5.29 2.21 13.72
N THR A 208 4.77 1.04 13.35
CA THR A 208 4.14 0.91 12.06
C THR A 208 2.66 1.08 12.23
N VAL A 209 2.12 2.09 11.56
CA VAL A 209 0.70 2.31 11.54
C VAL A 209 0.06 1.43 10.48
N THR A 210 0.75 1.32 9.35
CA THR A 210 0.15 0.62 8.25
C THR A 210 1.19 -0.03 7.33
N PHE A 211 0.80 -1.17 6.76
CA PHE A 211 1.71 -2.08 6.08
C PHE A 211 0.98 -2.77 4.92
N THR A 212 1.68 -2.96 3.80
CA THR A 212 1.04 -3.50 2.60
C THR A 212 1.96 -4.49 1.88
N VAL A 213 1.41 -5.63 1.51
CA VAL A 213 2.16 -6.61 0.71
C VAL A 213 1.38 -7.01 -0.53
N TYR A 214 1.96 -6.79 -1.70
CA TYR A 214 1.41 -7.32 -2.92
C TYR A 214 2.21 -8.59 -3.18
N PHE A 215 1.55 -9.66 -3.60
CA PHE A 215 2.29 -10.86 -3.97
C PHE A 215 2.36 -10.95 -5.47
N LEU A 216 3.50 -10.63 -6.06
CA LEU A 216 3.58 -10.59 -7.51
C LEU A 216 3.93 -11.92 -8.19
N ALA A 217 4.51 -12.86 -7.45
CA ALA A 217 4.79 -14.18 -8.00
C ALA A 217 3.57 -15.06 -7.86
N ASP A 218 3.23 -15.79 -8.91
CA ASP A 218 2.10 -16.70 -8.80
C ASP A 218 2.44 -17.72 -7.71
N PRO A 219 1.41 -18.33 -7.14
CA PRO A 219 1.62 -19.29 -6.05
C PRO A 219 2.63 -20.37 -6.40
N GLU A 220 2.53 -20.96 -7.59
CA GLU A 220 3.51 -21.99 -7.96
C GLU A 220 4.95 -21.49 -7.79
N THR A 221 5.20 -20.21 -8.06
CA THR A 221 6.53 -19.63 -7.93
C THR A 221 6.95 -19.46 -6.48
N ILE A 222 6.07 -18.88 -5.68
CA ILE A 222 6.33 -18.75 -4.25
C ILE A 222 6.74 -20.09 -3.64
N PHE A 223 5.91 -21.12 -3.82
CA PHE A 223 6.15 -22.42 -3.18
C PHE A 223 7.49 -23.06 -3.62
N ARG A 224 7.85 -22.88 -4.88
CA ARG A 224 9.11 -23.42 -5.41
C ARG A 224 10.34 -22.91 -4.64
N GLN A 225 10.19 -21.76 -4.02
CA GLN A 225 11.28 -21.18 -3.25
C GLN A 225 11.65 -22.16 -2.16
N GLY A 226 10.64 -22.86 -1.64
CA GLY A 226 10.92 -23.84 -0.63
C GLY A 226 11.67 -23.20 0.51
N THR A 227 12.87 -23.70 0.74
CA THR A 227 13.64 -23.38 1.93
C THR A 227 14.71 -22.30 1.77
N ASN A 228 14.86 -21.79 0.56
CA ASN A 228 16.00 -20.93 0.22
C ASN A 228 15.94 -19.48 0.70
N GLU A 229 17.11 -18.87 0.77
CA GLU A 229 17.24 -17.49 1.19
C GLU A 229 16.80 -16.55 0.08
N LEU A 230 16.17 -15.45 0.48
CA LEU A 230 15.71 -14.46 -0.48
C LEU A 230 16.39 -13.11 -0.29
N LEU A 231 16.39 -12.33 -1.35
CA LEU A 231 16.94 -10.99 -1.30
C LEU A 231 15.84 -9.97 -1.00
N GLY A 232 15.89 -9.37 0.18
CA GLY A 232 15.09 -8.18 0.47
C GLY A 232 15.75 -6.87 0.03
N VAL A 233 14.97 -5.94 -0.49
CA VAL A 233 15.47 -4.62 -0.88
C VAL A 233 14.54 -3.52 -0.36
N ALA A 234 15.04 -2.69 0.56
CA ALA A 234 14.18 -1.69 1.20
C ALA A 234 14.76 -0.29 1.13
N ARG A 235 13.90 0.68 0.81
CA ARG A 235 14.29 2.07 0.69
C ARG A 235 13.27 2.99 1.32
N ALA A 236 13.53 4.28 1.26
CA ALA A 236 12.58 5.25 1.74
C ALA A 236 12.56 6.40 0.76
N THR A 237 11.39 7.01 0.60
CA THR A 237 11.30 8.25 -0.16
C THR A 237 11.61 9.52 0.65
N GLY A 238 11.06 9.62 1.85
CA GLY A 238 11.23 10.82 2.66
C GLY A 238 10.76 10.72 4.09
N PHE A 239 11.22 11.70 4.89
CA PHE A 239 10.94 11.77 6.31
C PHE A 239 10.50 13.17 6.57
N SER A 240 9.26 13.32 7.02
CA SER A 240 8.77 14.63 7.41
C SER A 240 7.69 14.56 8.47
N HIS A 241 7.75 15.48 9.42
CA HIS A 241 6.68 15.71 10.36
C HIS A 241 6.14 14.43 11.02
N GLY A 242 7.04 13.67 11.62
CA GLY A 242 6.66 12.50 12.42
C GLY A 242 6.67 11.17 11.70
N TYR A 243 6.73 11.19 10.37
CA TYR A 243 6.65 9.95 9.61
C TYR A 243 7.66 9.81 8.49
N PHE A 244 7.90 8.55 8.15
CA PHE A 244 8.61 8.18 6.95
C PHE A 244 7.92 6.96 6.36
N ASP A 245 8.31 6.57 5.16
CA ASP A 245 7.72 5.42 4.52
C ASP A 245 8.80 4.42 4.23
N GLN A 246 8.40 3.19 3.93
CA GLN A 246 9.35 2.17 3.48
C GLN A 246 8.79 1.45 2.24
N ILE A 247 9.63 1.36 1.21
CA ILE A 247 9.29 0.60 0.02
C ILE A 247 10.24 -0.59 -0.05
N GLY A 248 9.72 -1.74 -0.44
CA GLY A 248 10.55 -2.93 -0.44
C GLY A 248 10.20 -3.81 -1.60
N GLU A 249 11.10 -4.76 -1.89
CA GLU A 249 10.92 -5.75 -2.93
C GLU A 249 11.51 -7.06 -2.42
N VAL A 250 10.92 -8.19 -2.81
CA VAL A 250 11.50 -9.49 -2.46
C VAL A 250 11.71 -10.36 -3.67
N TRP A 251 12.96 -10.81 -3.83
CA TRP A 251 13.39 -11.53 -5.01
C TRP A 251 13.76 -12.94 -4.64
N SER A 252 13.45 -13.88 -5.53
CA SER A 252 14.04 -15.21 -5.44
C SER A 252 15.52 -15.11 -5.88
N GLN A 253 16.29 -16.20 -5.79
CA GLN A 253 17.69 -16.11 -6.22
C GLN A 253 17.77 -16.14 -7.75
N ASP A 254 16.74 -16.71 -8.38
CA ASP A 254 16.74 -16.87 -9.82
C ASP A 254 16.48 -15.54 -10.54
N GLY A 255 16.19 -14.51 -9.75
CA GLY A 255 15.91 -13.19 -10.29
C GLY A 255 14.42 -13.02 -10.49
N ASP A 256 13.63 -13.82 -9.78
CA ASP A 256 12.19 -13.69 -9.85
C ASP A 256 11.70 -12.75 -8.75
N LEU A 257 10.88 -11.79 -9.15
CA LEU A 257 10.24 -10.87 -8.21
C LEU A 257 9.01 -11.50 -7.56
N LEU A 258 9.04 -11.54 -6.25
CA LEU A 258 8.10 -12.29 -5.47
C LEU A 258 7.00 -11.37 -4.95
N ALA A 259 7.37 -10.40 -4.13
CA ALA A 259 6.44 -9.44 -3.55
C ALA A 259 6.94 -7.99 -3.64
N THR A 260 6.07 -7.03 -3.35
CA THR A 260 6.51 -5.67 -3.03
C THR A 260 5.78 -5.28 -1.76
N THR A 261 6.33 -4.30 -1.02
CA THR A 261 5.70 -3.78 0.20
C THR A 261 5.81 -2.27 0.36
N THR A 262 4.89 -1.75 1.15
CA THR A 262 5.00 -0.39 1.64
C THR A 262 4.61 -0.42 3.08
N GLN A 263 5.19 0.50 3.83
CA GLN A 263 4.94 0.57 5.24
C GLN A 263 4.87 2.05 5.53
N LEU A 264 4.05 2.44 6.48
CA LEU A 264 4.09 3.82 6.91
C LEU A 264 4.40 3.89 8.37
N VAL A 265 5.38 4.72 8.73
CA VAL A 265 5.98 4.61 10.05
C VAL A 265 6.13 5.88 10.89
N TYR A 266 5.62 5.79 12.12
CA TYR A 266 5.77 6.77 13.20
C TYR A 266 7.24 7.00 13.55
N LYS A 268 9.76 9.47 16.51
CA LYS A 268 10.03 10.58 17.41
C LYS A 268 11.45 11.06 17.13
N ALA A 269 11.54 12.21 16.46
CA ALA A 269 12.82 12.79 16.08
C ALA A 269 12.76 14.30 16.12
N PRO A 270 12.79 14.87 17.32
CA PRO A 270 12.74 16.33 17.40
C PRO A 270 13.99 16.93 16.76
N VAL A 271 13.87 18.17 16.33
CA VAL A 271 14.98 18.92 15.73
C VAL A 271 16.29 18.84 16.53
N LEU B 7 -23.15 30.64 -6.37
CA LEU B 7 -22.65 29.38 -5.85
C LEU B 7 -22.42 28.38 -6.97
N VAL B 8 -21.15 28.07 -7.26
CA VAL B 8 -20.85 27.07 -8.27
C VAL B 8 -20.15 25.88 -7.65
N THR B 9 -20.60 24.68 -7.98
CA THR B 9 -19.95 23.47 -7.50
C THR B 9 -18.90 22.98 -8.50
N HIS B 10 -17.68 22.80 -8.00
CA HIS B 10 -16.65 22.13 -8.78
C HIS B 10 -17.05 20.67 -8.91
N ALA B 11 -16.82 20.11 -10.10
CA ALA B 11 -17.22 18.73 -10.38
C ALA B 11 -16.77 17.79 -9.29
N PHE B 12 -15.49 17.87 -8.93
CA PHE B 12 -14.92 17.05 -7.88
C PHE B 12 -15.75 17.10 -6.60
N ASP B 13 -16.00 18.31 -6.11
CA ASP B 13 -16.80 18.48 -4.91
C ASP B 13 -18.22 17.94 -5.15
N ASP B 14 -18.60 17.91 -6.42
CA ASP B 14 -19.91 17.44 -6.81
C ASP B 14 -19.95 15.91 -6.72
N ALA B 15 -18.92 15.26 -7.23
CA ALA B 15 -18.85 13.79 -7.20
C ALA B 15 -18.71 13.26 -5.79
N THR B 16 -17.91 13.96 -4.98
CA THR B 16 -17.60 13.52 -3.62
C THR B 16 -18.57 14.13 -2.61
N ALA B 17 -19.56 14.87 -3.09
CA ALA B 17 -20.59 15.38 -2.20
C ALA B 17 -21.26 14.21 -1.49
N LEU B 18 -21.34 14.28 -0.16
CA LEU B 18 -21.99 13.25 0.64
C LEU B 18 -23.02 13.88 1.57
N SER B 19 -23.86 13.03 2.14
CA SER B 19 -24.73 13.47 3.21
C SER B 19 -24.68 12.43 4.32
N PHE B 20 -24.88 12.88 5.54
CA PHE B 20 -24.86 11.98 6.68
C PHE B 20 -26.24 11.92 7.31
N ASP B 21 -26.78 10.72 7.45
CA ASP B 21 -28.07 10.55 8.12
C ASP B 21 -27.88 10.22 9.59
N GLY B 22 -26.62 10.11 10.01
CA GLY B 22 -26.31 9.75 11.38
C GLY B 22 -25.79 8.33 11.57
N ARG B 23 -25.95 7.51 10.55
CA ARG B 23 -25.49 6.13 10.58
C ARG B 23 -24.58 5.92 9.38
N GLN B 24 -25.13 6.11 8.19
CA GLN B 24 -24.35 5.92 6.98
C GLN B 24 -24.30 7.17 6.08
N PHE B 25 -23.32 7.19 5.18
CA PHE B 25 -23.16 8.27 4.21
C PHE B 25 -23.80 7.94 2.88
N HIS B 26 -24.37 8.95 2.24
CA HIS B 26 -25.03 8.75 0.97
C HIS B 26 -24.36 9.53 -0.12
N GLY B 27 -24.20 8.89 -1.27
CA GLY B 27 -23.62 9.53 -2.41
C GLY B 27 -24.15 8.93 -3.70
N GLN B 28 -23.78 9.55 -4.80
CA GLN B 28 -24.14 9.03 -6.10
C GLN B 28 -22.84 8.85 -6.84
N VAL B 29 -22.73 7.76 -7.57
CA VAL B 29 -21.64 7.63 -8.52
C VAL B 29 -21.99 8.54 -9.68
N LYS B 30 -21.09 9.47 -9.98
CA LYS B 30 -21.31 10.40 -11.08
C LYS B 30 -20.95 9.70 -12.39
N ALA B 31 -21.76 9.89 -13.41
CA ALA B 31 -21.49 9.27 -14.70
C ALA B 31 -20.37 10.01 -15.43
N GLU B 32 -20.15 11.27 -15.04
CA GLU B 32 -19.14 12.11 -15.67
C GLU B 32 -17.70 11.69 -15.27
N TYR B 33 -17.58 10.96 -14.18
CA TYR B 33 -16.30 10.38 -13.76
C TYR B 33 -16.08 8.95 -14.23
N TYR B 34 -16.98 8.45 -15.06
CA TYR B 34 -16.88 7.07 -15.52
C TYR B 34 -15.54 6.84 -16.20
N ASN B 35 -15.03 5.61 -16.10
CA ASN B 35 -13.81 5.28 -16.78
C ASN B 35 -14.03 4.17 -17.78
N VAL B 37 -16.05 0.07 -17.39
CA VAL B 37 -16.48 -0.98 -16.47
C VAL B 37 -16.51 -0.46 -15.02
N GLY B 38 -17.14 0.69 -14.82
CA GLY B 38 -17.11 1.33 -13.53
C GLY B 38 -16.30 2.61 -13.46
N PRO B 39 -16.44 3.35 -12.37
CA PRO B 39 -15.98 4.73 -12.16
C PRO B 39 -14.47 4.83 -12.00
N PHE B 40 -13.97 6.04 -12.26
CA PHE B 40 -12.56 6.34 -12.09
C PHE B 40 -12.14 6.05 -10.66
N GLY B 41 -11.09 5.25 -10.51
CA GLY B 41 -10.70 4.79 -9.19
C GLY B 41 -10.38 5.90 -8.23
N GLY B 42 -9.78 6.97 -8.74
CA GLY B 42 -9.30 8.04 -7.89
C GLY B 42 -10.46 8.79 -7.27
N ILE B 43 -11.57 8.84 -7.98
CA ILE B 43 -12.73 9.54 -7.46
C ILE B 43 -13.41 8.70 -6.40
N THR B 44 -13.44 7.39 -6.63
CA THR B 44 -14.04 6.47 -5.69
C THR B 44 -13.26 6.49 -4.40
N ALA B 45 -11.94 6.63 -4.52
CA ALA B 45 -11.07 6.61 -3.34
C ALA B 45 -11.16 7.94 -2.59
N ALA B 46 -11.20 9.05 -3.33
CA ALA B 46 -11.41 10.37 -2.74
C ALA B 46 -12.72 10.34 -1.96
N THR B 47 -13.77 9.88 -2.63
CA THR B 47 -15.03 9.63 -1.96
C THR B 47 -14.91 8.78 -0.67
N LEU B 49 -12.52 8.60 1.27
CA LEU B 49 -11.79 9.39 2.27
C LEU B 49 -12.62 10.50 2.95
N LYS B 50 -13.42 11.20 2.14
CA LYS B 50 -14.28 12.25 2.66
C LYS B 50 -15.15 11.70 3.77
N ALA B 51 -15.64 10.47 3.57
CA ALA B 51 -16.52 9.83 4.53
C ALA B 51 -15.95 9.92 5.94
N ALA B 52 -14.70 9.46 6.09
CA ALA B 52 -14.02 9.48 7.38
C ALA B 52 -13.70 10.92 7.77
N SER B 54 -15.42 13.56 7.04
CA SER B 54 -16.68 14.19 7.43
C SER B 54 -17.27 13.57 8.69
N HIS B 55 -16.68 12.47 9.12
CA HIS B 55 -17.12 11.83 10.35
C HIS B 55 -16.85 12.78 11.52
N PRO B 56 -17.85 12.92 12.40
CA PRO B 56 -17.82 13.76 13.59
C PRO B 56 -16.73 13.37 14.58
N GLU B 57 -16.47 12.08 14.70
CA GLU B 57 -15.48 11.60 15.66
C GLU B 57 -14.09 11.86 15.13
N ARG B 58 -14.01 12.11 13.83
CA ARG B 58 -12.70 12.21 13.19
C ARG B 58 -11.86 13.36 13.75
N LEU B 59 -10.63 13.01 14.09
CA LEU B 59 -9.70 13.95 14.66
C LEU B 59 -8.43 13.86 13.85
N GLY B 60 -7.62 14.91 13.97
CA GLY B 60 -6.40 15.01 13.19
C GLY B 60 -6.67 15.04 11.70
N GLN B 61 -5.61 14.81 10.94
CA GLN B 61 -5.67 14.83 9.49
C GLN B 61 -5.18 13.49 8.90
N PRO B 62 -5.55 13.21 7.65
CA PRO B 62 -5.22 11.94 6.98
C PRO B 62 -3.74 11.61 6.95
N LEU B 63 -3.47 10.32 7.14
CA LEU B 63 -2.13 9.77 6.99
C LEU B 63 -2.06 8.80 5.81
N ALA B 64 -2.83 7.72 5.89
CA ALA B 64 -2.78 6.70 4.85
C ALA B 64 -4.19 6.30 4.42
N LEU B 65 -4.28 5.81 3.20
CA LEU B 65 -5.51 5.24 2.66
C LEU B 65 -5.24 4.01 1.80
N THR B 66 -6.02 2.95 2.03
CA THR B 66 -6.00 1.77 1.20
C THR B 66 -7.43 1.50 0.79
N VAL B 67 -7.67 1.49 -0.51
CA VAL B 67 -8.99 1.22 -1.05
C VAL B 67 -8.94 -0.06 -1.84
N ASN B 68 -9.85 -0.98 -1.55
CA ASN B 68 -9.96 -2.20 -2.32
C ASN B 68 -11.26 -2.20 -3.11
N PHE B 69 -11.17 -2.40 -4.42
CA PHE B 69 -12.38 -2.40 -5.25
C PHE B 69 -12.90 -3.83 -5.42
N ALA B 70 -14.03 -4.09 -4.74
CA ALA B 70 -14.57 -5.43 -4.60
C ALA B 70 -15.29 -5.81 -5.86
N ALA B 71 -15.76 -4.79 -6.57
CA ALA B 71 -16.59 -4.98 -7.74
C ALA B 71 -16.81 -3.59 -8.28
N PRO B 72 -16.90 -3.46 -9.62
CA PRO B 72 -17.13 -2.17 -10.27
C PRO B 72 -18.43 -1.53 -9.79
N ALA B 73 -18.37 -0.28 -9.38
CA ALA B 73 -19.57 0.38 -8.87
C ALA B 73 -20.48 0.78 -10.03
N LYS B 74 -21.78 0.53 -9.88
CA LYS B 74 -22.80 0.97 -10.83
C LYS B 74 -22.88 2.49 -10.74
N VAL B 75 -23.46 3.16 -11.74
CA VAL B 75 -23.56 4.59 -11.53
C VAL B 75 -24.96 4.73 -10.97
N ALA B 76 -24.94 4.79 -9.65
CA ALA B 76 -26.11 4.65 -8.83
C ALA B 76 -25.84 5.39 -7.56
N PRO B 77 -26.90 5.75 -6.85
CA PRO B 77 -26.63 6.02 -5.44
C PRO B 77 -25.93 4.81 -4.82
N PHE B 78 -25.14 5.09 -3.79
CA PHE B 78 -24.44 4.10 -2.98
C PHE B 78 -24.50 4.57 -1.55
N VAL B 79 -24.08 3.69 -0.65
CA VAL B 79 -24.06 3.98 0.76
C VAL B 79 -22.69 3.63 1.34
N ILE B 80 -22.17 4.47 2.22
CA ILE B 80 -20.89 4.18 2.85
C ILE B 80 -21.02 4.13 4.35
N GLU B 81 -20.49 3.09 4.96
CA GLU B 81 -20.51 2.98 6.40
C GLU B 81 -19.10 3.13 6.93
N ALA B 82 -18.81 4.26 7.56
CA ALA B 82 -17.44 4.54 8.02
C ALA B 82 -17.26 4.48 9.55
N VAL B 83 -16.54 3.47 10.05
CA VAL B 83 -16.32 3.31 11.50
C VAL B 83 -14.99 3.86 11.99
N PRO B 84 -15.04 4.72 13.01
CA PRO B 84 -13.88 5.16 13.78
C PRO B 84 -13.54 4.04 14.76
N VAL B 85 -12.83 3.08 14.21
CA VAL B 85 -12.47 1.83 14.87
C VAL B 85 -11.55 1.94 16.12
N ARG B 86 -10.57 2.84 16.08
CA ARG B 86 -9.72 3.01 17.23
C ARG B 86 -9.36 4.47 17.34
N THR B 87 -9.31 4.97 18.56
CA THR B 87 -8.93 6.36 18.75
C THR B 87 -7.89 6.49 19.87
N ASN B 88 -6.80 7.14 19.53
CA ASN B 88 -5.67 7.26 20.44
C ASN B 88 -5.29 8.72 20.58
N ARG B 89 -4.27 9.03 21.39
CA ARG B 89 -3.96 10.43 21.63
C ARG B 89 -3.77 11.17 20.33
N SER B 90 -2.72 10.80 19.61
CA SER B 90 -2.33 11.44 18.37
C SER B 90 -2.80 10.75 17.09
N THR B 91 -3.60 9.69 17.21
CA THR B 91 -3.83 8.84 16.04
C THR B 91 -5.20 8.11 15.99
N GLN B 92 -5.74 7.91 14.79
CA GLN B 92 -7.09 7.36 14.60
C GLN B 92 -7.25 6.44 13.36
N HIS B 93 -7.91 5.28 13.52
CA HIS B 93 -8.09 4.32 12.43
C HIS B 93 -9.54 4.13 12.00
N PHE B 94 -9.80 4.18 10.69
CA PHE B 94 -11.16 4.01 10.16
C PHE B 94 -11.31 2.77 9.30
N THR B 95 -12.51 2.18 9.33
CA THR B 95 -12.85 1.06 8.46
C THR B 95 -14.09 1.44 7.63
N LEU B 96 -13.98 1.38 6.32
CA LEU B 96 -15.10 1.84 5.50
C LEU B 96 -15.58 0.84 4.47
N THR B 97 -16.86 0.95 4.16
CA THR B 97 -17.55 0.03 3.27
C THR B 97 -18.57 0.79 2.43
N GLN B 100 -24.04 -0.72 -2.77
CA GLN B 100 -25.14 -0.37 -3.66
C GLN B 100 -26.04 -1.59 -3.80
N ASP B 101 -27.35 -1.39 -3.67
CA ASP B 101 -28.28 -2.50 -3.80
C ASP B 101 -27.93 -3.63 -2.84
N GLY B 102 -27.56 -3.28 -1.61
CA GLY B 102 -27.30 -4.27 -0.57
C GLY B 102 -25.99 -5.06 -0.67
N GLU B 103 -25.24 -4.87 -1.74
CA GLU B 103 -24.01 -5.63 -1.91
C GLU B 103 -22.77 -4.75 -1.71
N VAL B 104 -21.69 -5.33 -1.21
CA VAL B 104 -20.48 -4.58 -1.02
C VAL B 104 -19.73 -4.34 -2.32
N VAL B 105 -19.53 -3.06 -2.60
CA VAL B 105 -18.89 -2.57 -3.81
C VAL B 105 -17.40 -2.28 -3.57
N THR B 106 -17.13 -1.40 -2.61
CA THR B 106 -15.77 -0.95 -2.30
C THR B 106 -15.50 -0.92 -0.79
N THR B 107 -14.27 -1.27 -0.37
CA THR B 107 -13.84 -1.12 1.02
C THR B 107 -12.52 -0.36 1.14
N ALA B 108 -12.32 0.25 2.29
CA ALA B 108 -11.14 1.07 2.51
C ALA B 108 -10.77 1.11 3.98
N THR B 109 -9.50 1.33 4.27
CA THR B 109 -9.06 1.59 5.62
C THR B 109 -8.27 2.89 5.60
N ALA B 110 -8.36 3.66 6.67
CA ALA B 110 -7.66 4.92 6.73
C ALA B 110 -7.07 5.20 8.11
N VAL B 111 -5.97 5.95 8.09
CA VAL B 111 -5.34 6.35 9.33
C VAL B 111 -5.30 7.86 9.39
N PHE B 112 -5.87 8.41 10.45
CA PHE B 112 -5.80 9.84 10.72
C PHE B 112 -4.93 10.05 11.94
N GLY B 113 -4.26 11.20 11.99
CA GLY B 113 -3.44 11.52 13.13
C GLY B 113 -3.05 12.97 13.18
N ILE B 114 -2.71 13.43 14.39
CA ILE B 114 -2.21 14.78 14.57
C ILE B 114 -0.70 14.74 14.64
N ARG B 115 -0.05 15.47 13.73
CA ARG B 115 1.40 15.45 13.69
C ARG B 115 2.08 16.80 13.98
N ARG B 116 3.29 16.68 14.53
CA ARG B 116 4.09 17.82 14.94
C ARG B 116 5.43 17.73 14.20
N GLU B 117 6.15 18.86 14.11
CA GLU B 117 7.33 18.97 13.27
C GLU B 117 8.56 18.19 13.77
N SER B 118 9.24 17.54 12.84
CA SER B 118 10.37 16.72 13.20
C SER B 118 11.57 17.07 12.36
N TRP B 119 12.69 16.40 12.61
CA TRP B 119 13.78 16.43 11.65
C TRP B 119 13.23 15.87 10.35
N SER B 120 13.65 16.44 9.24
CA SER B 120 13.15 15.99 7.96
C SER B 120 14.24 15.89 6.92
N HIS B 121 14.06 14.95 6.01
CA HIS B 121 14.97 14.81 4.90
C HIS B 121 14.19 14.19 3.76
N THR B 122 14.65 14.40 2.53
CA THR B 122 14.03 13.75 1.39
C THR B 122 15.05 12.88 0.67
N GLU B 123 14.83 11.56 0.72
CA GLU B 123 15.76 10.59 0.17
C GLU B 123 15.63 10.41 -1.33
N ALA B 124 14.39 10.34 -1.80
CA ALA B 124 14.12 10.23 -3.23
C ALA B 124 14.59 11.49 -3.96
N VAL B 125 14.96 11.32 -5.23
CA VAL B 125 15.31 12.48 -6.04
C VAL B 125 14.16 12.86 -6.92
N PRO B 127 13.14 14.04 -10.31
CA PRO B 127 13.73 14.05 -11.66
C PRO B 127 13.88 15.47 -12.16
N ASP B 128 14.82 15.68 -13.08
CA ASP B 128 14.98 16.98 -13.69
C ASP B 128 14.05 17.07 -14.88
N VAL B 129 13.18 18.07 -14.88
CA VAL B 129 12.13 18.20 -15.89
C VAL B 129 11.88 19.65 -16.31
N PRO B 130 11.35 19.84 -17.52
CA PRO B 130 10.95 21.19 -17.93
C PRO B 130 9.74 21.68 -17.13
N PRO B 131 9.49 23.00 -17.14
CA PRO B 131 8.33 23.57 -16.45
C PRO B 131 7.04 23.30 -17.22
N PRO B 132 5.90 23.39 -16.53
CA PRO B 132 4.57 23.23 -17.15
C PRO B 132 4.45 24.15 -18.35
N ALA B 133 5.23 25.22 -18.31
CA ALA B 133 5.31 26.17 -19.41
C ALA B 133 5.69 25.46 -20.70
N ASP B 134 6.82 24.76 -20.67
CA ASP B 134 7.40 24.16 -21.85
C ASP B 134 6.66 22.91 -22.31
N VAL B 135 6.06 22.19 -21.36
CA VAL B 135 5.31 20.99 -21.70
C VAL B 135 3.89 21.33 -22.11
N PRO B 136 3.47 20.84 -23.27
CA PRO B 136 2.12 21.01 -23.82
C PRO B 136 1.12 20.09 -23.12
N ARG B 137 -0.11 20.55 -22.97
CA ARG B 137 -1.14 19.71 -22.42
C ARG B 137 -1.35 18.52 -23.33
N PHE B 138 -1.59 17.36 -22.72
CA PHE B 138 -1.75 16.13 -23.47
C PHE B 138 -3.23 15.79 -23.60
N VAL B 139 -3.70 15.64 -24.83
CA VAL B 139 -5.09 15.27 -25.06
C VAL B 139 -5.21 13.95 -25.80
N ALA B 140 -5.74 12.95 -25.12
CA ALA B 140 -5.95 11.64 -25.71
C ALA B 140 -6.95 11.71 -26.85
N PRO B 141 -6.69 10.95 -27.93
CA PRO B 141 -7.57 10.90 -29.10
C PRO B 141 -8.95 10.42 -28.71
N ALA B 142 -9.03 9.36 -27.91
CA ALA B 142 -10.32 8.94 -27.38
C ALA B 142 -10.32 9.25 -25.90
N PRO B 143 -11.03 10.33 -25.52
CA PRO B 143 -10.98 10.79 -24.15
C PRO B 143 -11.79 9.88 -23.23
N LEU B 144 -11.33 9.71 -22.00
CA LEU B 144 -12.14 9.08 -20.97
C LEU B 144 -12.95 10.16 -20.29
N PRO B 145 -14.17 9.84 -19.88
CA PRO B 145 -15.05 10.86 -19.31
C PRO B 145 -14.36 11.66 -18.20
N TRP B 146 -13.70 10.99 -17.28
CA TRP B 146 -13.07 11.64 -16.14
C TRP B 146 -11.79 12.41 -16.51
N GLN B 148 -11.46 14.56 -18.48
CA GLN B 148 -11.82 15.93 -18.80
C GLN B 148 -11.70 16.80 -17.57
N TRP B 149 -11.58 16.13 -16.44
CA TRP B 149 -11.54 16.78 -15.13
C TRP B 149 -10.11 17.04 -14.67
N TYR B 150 -9.15 16.76 -15.53
CA TYR B 150 -7.76 16.97 -15.19
C TYR B 150 -7.00 17.64 -16.31
N HIS B 151 -6.04 18.48 -15.92
CA HIS B 151 -5.14 19.09 -16.87
C HIS B 151 -3.78 18.40 -16.74
N VAL B 152 -3.45 17.60 -17.74
CA VAL B 152 -2.20 16.86 -17.72
C VAL B 152 -1.27 17.33 -18.83
N ARG B 153 -0.06 17.73 -18.46
CA ARG B 153 0.98 17.92 -19.44
C ARG B 153 1.89 16.70 -19.35
N LEU B 154 1.88 15.87 -20.38
CA LEU B 154 2.69 14.66 -20.35
C LEU B 154 4.12 14.94 -20.79
N ILE B 155 5.04 14.41 -20.01
CA ILE B 155 6.47 14.66 -20.17
C ILE B 155 7.14 13.49 -20.86
N ARG B 156 7.12 12.34 -20.22
CA ARG B 156 7.56 11.10 -20.88
C ARG B 156 6.62 9.97 -20.51
N GLY B 157 6.89 8.78 -21.02
CA GLY B 157 6.13 7.60 -20.64
C GLY B 157 4.68 7.47 -21.05
N SER B 158 4.38 7.51 -22.35
CA SER B 158 3.01 7.26 -22.79
C SER B 158 2.90 5.95 -23.58
N ALA B 159 1.68 5.68 -24.06
CA ALA B 159 1.47 4.59 -25.00
C ALA B 159 1.72 5.02 -26.46
N PHE B 160 1.94 6.33 -26.66
CA PHE B 160 2.36 6.86 -27.96
C PHE B 160 3.85 7.16 -28.08
N ASP B 161 4.58 6.94 -27.00
CA ASP B 161 5.97 7.32 -26.90
C ASP B 161 6.84 6.28 -27.60
N GLU B 162 8.14 6.57 -27.68
CA GLU B 162 9.11 5.61 -28.19
C GLU B 162 9.76 4.93 -27.01
N VAL B 163 9.31 5.34 -25.83
CA VAL B 163 9.90 4.94 -24.55
C VAL B 163 9.65 3.47 -24.20
N GLN B 164 10.74 2.74 -23.96
CA GLN B 164 10.65 1.30 -23.83
C GLN B 164 10.54 0.78 -22.40
N ASP B 165 10.57 1.69 -21.44
CA ASP B 165 10.35 1.33 -20.04
C ASP B 165 8.96 1.73 -19.58
N ALA B 166 8.65 1.44 -18.32
CA ALA B 166 7.32 1.69 -17.76
C ALA B 166 7.16 3.00 -16.99
N THR B 167 8.20 3.84 -16.99
CA THR B 167 8.21 5.04 -16.14
C THR B 167 7.56 6.27 -16.80
N THR B 168 6.62 6.88 -16.09
CA THR B 168 5.93 8.07 -16.57
C THR B 168 6.23 9.30 -15.71
N TYR B 169 6.44 10.44 -16.37
CA TYR B 169 6.45 11.75 -15.71
C TYR B 169 5.32 12.59 -16.28
N GLN B 170 4.57 13.29 -15.42
CA GLN B 170 3.58 14.22 -15.91
C GLN B 170 3.31 15.40 -14.98
N TRP B 171 3.02 16.54 -15.58
CA TRP B 171 2.45 17.65 -14.84
C TRP B 171 0.96 17.42 -14.83
N ARG B 173 -2.92 18.69 -12.71
CA ARG B 173 -3.70 19.43 -11.73
C ARG B 173 -5.16 19.14 -12.02
N ASP B 174 -6.03 19.47 -11.07
CA ASP B 174 -7.46 19.46 -11.34
C ASP B 174 -7.72 20.43 -12.48
N ASP B 175 -8.64 20.06 -13.35
CA ASP B 175 -9.20 21.02 -14.26
C ASP B 175 -10.72 20.94 -14.11
N PRO B 176 -11.40 22.09 -14.13
CA PRO B 176 -10.79 23.41 -14.00
C PRO B 176 -10.13 23.53 -12.65
N PRO B 177 -9.22 24.50 -12.52
CA PRO B 177 -8.30 24.61 -11.37
C PRO B 177 -9.03 24.52 -10.07
N ARG B 178 -8.51 23.74 -9.13
CA ARG B 178 -9.13 23.66 -7.82
C ARG B 178 -8.06 23.57 -6.74
N PRO B 179 -8.28 24.25 -5.61
CA PRO B 179 -7.33 24.24 -4.51
C PRO B 179 -7.10 22.83 -4.05
N LEU B 180 -5.88 22.55 -3.60
CA LEU B 180 -5.52 21.19 -3.28
C LEU B 180 -5.88 20.84 -1.85
N ASP B 181 -6.43 19.65 -1.67
CA ASP B 181 -6.66 19.07 -0.35
C ASP B 181 -6.38 17.57 -0.40
N HIS B 182 -6.64 16.86 0.67
CA HIS B 182 -6.23 15.46 0.73
C HIS B 182 -6.94 14.55 -0.27
N ALA B 183 -8.26 14.64 -0.32
CA ALA B 183 -8.99 13.74 -1.21
C ALA B 183 -8.62 13.98 -2.70
N ALA B 184 -8.48 15.24 -3.07
CA ALA B 184 -8.15 15.60 -4.45
C ALA B 184 -6.81 14.99 -4.79
N LEU B 185 -5.95 14.98 -3.78
CA LEU B 185 -4.60 14.48 -3.91
C LEU B 185 -4.60 12.95 -4.11
N ALA B 186 -5.35 12.24 -3.29
CA ALA B 186 -5.56 10.82 -3.51
C ALA B 186 -5.98 10.56 -4.96
N ALA B 187 -6.96 11.34 -5.43
CA ALA B 187 -7.49 11.10 -6.78
C ALA B 187 -6.40 11.26 -7.81
N LEU B 188 -5.54 12.26 -7.61
CA LEU B 188 -4.51 12.55 -8.60
C LEU B 188 -3.53 11.41 -8.78
N CYS B 189 -3.57 10.44 -7.87
CA CYS B 189 -2.66 9.30 -7.92
C CYS B 189 -3.18 8.17 -8.79
N ASP B 190 -4.45 8.21 -9.13
CA ASP B 190 -4.98 7.32 -10.16
C ASP B 190 -5.02 7.97 -11.54
N THR B 191 -4.47 9.17 -11.67
CA THR B 191 -4.53 9.87 -12.96
C THR B 191 -3.47 9.37 -13.96
N PHE B 192 -2.65 8.42 -13.53
CA PHE B 192 -1.62 7.85 -14.40
C PHE B 192 -2.17 6.83 -15.37
N VAL B 193 -1.76 6.97 -16.63
CA VAL B 193 -2.01 5.96 -17.63
C VAL B 193 -1.52 4.62 -17.08
N PRO B 194 -2.27 3.54 -17.35
CA PRO B 194 -1.97 2.22 -16.80
C PRO B 194 -0.59 1.76 -17.26
N ARG B 195 0.25 1.32 -16.31
CA ARG B 195 1.64 1.05 -16.65
C ARG B 195 1.75 0.19 -17.92
N VAL B 196 0.94 -0.87 -17.98
CA VAL B 196 0.99 -1.83 -19.09
C VAL B 196 0.79 -1.18 -20.47
N TYR B 197 -0.16 -0.26 -20.61
CA TYR B 197 -0.30 0.48 -21.86
C TYR B 197 1.05 1.10 -22.23
N VAL B 198 1.68 1.75 -21.26
CA VAL B 198 2.94 2.42 -21.52
C VAL B 198 3.96 1.45 -22.07
N LYS B 199 3.93 0.21 -21.56
CA LYS B 199 4.88 -0.81 -21.97
C LYS B 199 4.55 -1.44 -23.34
N LEU B 200 3.28 -1.68 -23.59
CA LEU B 200 2.88 -2.30 -24.86
C LEU B 200 2.50 -1.32 -25.96
N LYS B 201 2.34 -0.04 -25.65
CA LYS B 201 1.94 0.95 -26.66
C LYS B 201 0.52 0.70 -27.24
N ARG B 202 -0.10 -0.41 -26.84
CA ARG B 202 -1.52 -0.66 -27.13
C ARG B 202 -2.25 -1.04 -25.84
N PRO B 203 -3.59 -0.87 -25.79
CA PRO B 203 -4.37 -1.25 -24.60
C PRO B 203 -4.71 -2.76 -24.47
N VAL B 204 -4.86 -3.18 -23.22
CA VAL B 204 -5.42 -4.47 -22.85
C VAL B 204 -6.44 -4.20 -21.76
N PRO B 205 -7.33 -5.15 -21.50
CA PRO B 205 -8.23 -4.99 -20.35
C PRO B 205 -7.48 -5.01 -19.03
N ILE B 206 -7.74 -4.04 -18.17
CA ILE B 206 -7.15 -4.00 -16.85
C ILE B 206 -8.19 -3.47 -15.86
N GLY B 207 -8.01 -3.79 -14.58
CA GLY B 207 -8.74 -3.10 -13.54
C GLY B 207 -7.96 -3.14 -12.24
N THR B 208 -8.20 -2.14 -11.40
CA THR B 208 -7.48 -2.02 -10.15
C THR B 208 -8.22 -2.77 -9.06
N VAL B 209 -7.52 -3.70 -8.43
CA VAL B 209 -8.02 -4.40 -7.26
C VAL B 209 -7.85 -3.57 -5.99
N THR B 210 -6.69 -2.95 -5.85
CA THR B 210 -6.35 -2.21 -4.65
C THR B 210 -5.40 -1.04 -4.89
N PHE B 211 -5.58 -0.01 -4.07
CA PHE B 211 -4.87 1.24 -4.26
C PHE B 211 -4.50 1.76 -2.86
N THR B 212 -3.22 2.07 -2.65
CA THR B 212 -2.78 2.64 -1.37
C THR B 212 -2.10 3.99 -1.58
N VAL B 213 -2.31 4.91 -0.63
CA VAL B 213 -1.63 6.20 -0.66
C VAL B 213 -1.20 6.71 0.72
N TYR B 214 0.05 7.14 0.81
CA TYR B 214 0.56 7.71 2.04
C TYR B 214 0.74 9.20 1.82
N PHE B 215 0.23 10.04 2.72
CA PHE B 215 0.49 11.46 2.54
C PHE B 215 1.71 11.84 3.38
N LEU B 216 2.84 12.07 2.74
CA LEU B 216 4.10 12.31 3.46
C LEU B 216 4.21 13.75 3.93
N ALA B 217 3.70 14.66 3.10
CA ALA B 217 3.76 16.06 3.43
C ALA B 217 2.73 16.38 4.51
N ASP B 218 3.15 17.22 5.45
CA ASP B 218 2.25 17.74 6.46
C ASP B 218 1.08 18.40 5.77
N PRO B 219 -0.08 18.39 6.41
CA PRO B 219 -1.26 19.02 5.83
C PRO B 219 -1.03 20.45 5.31
N GLU B 220 -0.27 21.27 6.03
CA GLU B 220 -0.10 22.68 5.69
C GLU B 220 0.62 22.83 4.35
N THR B 221 1.64 22.00 4.16
CA THR B 221 2.36 21.95 2.90
C THR B 221 1.41 21.64 1.77
N ILE B 222 0.61 20.60 1.95
CA ILE B 222 -0.34 20.18 0.93
C ILE B 222 -1.23 21.35 0.47
N PHE B 223 -1.85 22.02 1.43
CA PHE B 223 -2.75 23.13 1.15
C PHE B 223 -2.04 24.27 0.43
N ARG B 224 -0.79 24.48 0.79
CA ARG B 224 0.05 25.54 0.24
C ARG B 224 0.00 25.59 -1.29
N GLN B 225 -0.15 24.44 -1.92
CA GLN B 225 -0.12 24.33 -3.38
C GLN B 225 -1.28 25.04 -4.09
N GLY B 226 -2.43 25.11 -3.42
CA GLY B 226 -3.56 25.78 -4.04
C GLY B 226 -3.77 25.12 -5.38
N THR B 227 -3.77 25.93 -6.43
CA THR B 227 -4.07 25.44 -7.77
C THR B 227 -2.82 25.08 -8.56
N ASN B 228 -1.66 25.21 -7.94
CA ASN B 228 -0.41 24.93 -8.64
C ASN B 228 -0.34 23.50 -9.16
N GLU B 229 0.24 23.34 -10.35
CA GLU B 229 0.38 22.02 -10.97
C GLU B 229 1.34 21.14 -10.16
N LEU B 230 1.23 19.82 -10.34
CA LEU B 230 2.11 18.89 -9.64
C LEU B 230 2.79 17.93 -10.59
N LEU B 231 3.88 17.33 -10.12
CA LEU B 231 4.60 16.36 -10.91
C LEU B 231 4.44 14.97 -10.34
N GLY B 232 3.73 14.12 -11.05
CA GLY B 232 3.67 12.72 -10.67
C GLY B 232 4.74 11.88 -11.36
N VAL B 233 5.16 10.82 -10.69
CA VAL B 233 6.06 9.84 -11.28
C VAL B 233 5.51 8.45 -10.98
N ALA B 234 5.12 7.74 -12.02
CA ALA B 234 4.62 6.39 -11.81
C ALA B 234 5.55 5.42 -12.51
N ARG B 235 5.93 4.38 -11.79
CA ARG B 235 6.78 3.35 -12.35
C ARG B 235 6.12 2.00 -12.10
N ALA B 236 6.63 0.98 -12.75
CA ALA B 236 6.11 -0.35 -12.57
C ALA B 236 7.21 -1.24 -12.06
N THR B 237 6.83 -2.37 -11.48
CA THR B 237 7.82 -3.31 -10.98
C THR B 237 7.86 -4.55 -11.87
N GLY B 238 6.76 -5.29 -11.90
CA GLY B 238 6.71 -6.46 -12.75
C GLY B 238 5.32 -6.72 -13.26
N PHE B 239 5.21 -7.65 -14.20
CA PHE B 239 3.93 -8.09 -14.72
C PHE B 239 3.97 -9.61 -14.75
N SER B 240 3.12 -10.27 -13.96
CA SER B 240 3.15 -11.73 -13.99
C SER B 240 1.79 -12.35 -13.80
N HIS B 241 1.53 -13.41 -14.56
CA HIS B 241 0.41 -14.28 -14.30
C HIS B 241 -0.88 -13.52 -14.01
N GLY B 242 -1.19 -12.51 -14.80
CA GLY B 242 -2.46 -11.85 -14.69
C GLY B 242 -2.50 -10.56 -13.90
N TYR B 243 -1.39 -10.19 -13.28
CA TYR B 243 -1.37 -8.93 -12.53
C TYR B 243 -0.12 -8.11 -12.71
N PHE B 244 -0.24 -6.82 -12.40
CA PHE B 244 0.93 -5.95 -12.31
C PHE B 244 0.67 -4.84 -11.29
N ASP B 245 1.70 -4.02 -11.06
CA ASP B 245 1.67 -3.04 -9.98
C ASP B 245 2.17 -1.67 -10.43
N GLN B 246 1.76 -0.64 -9.70
CA GLN B 246 2.19 0.70 -10.01
C GLN B 246 2.73 1.29 -8.74
N ILE B 247 3.94 1.85 -8.83
CA ILE B 247 4.47 2.64 -7.74
C ILE B 247 4.60 4.07 -8.22
N GLY B 248 4.20 5.02 -7.39
CA GLY B 248 4.27 6.40 -7.82
C GLY B 248 4.45 7.42 -6.73
N GLU B 249 4.98 8.57 -7.11
CA GLU B 249 5.22 9.69 -6.21
C GLU B 249 4.65 10.98 -6.77
N VAL B 250 4.29 11.91 -5.89
CA VAL B 250 3.78 13.21 -6.33
C VAL B 250 4.54 14.33 -5.67
N TRP B 251 5.12 15.21 -6.48
CA TRP B 251 5.96 16.27 -5.97
C TRP B 251 5.37 17.65 -6.20
N SER B 252 5.74 18.57 -5.32
CA SER B 252 5.44 19.99 -5.50
C SER B 252 6.46 20.56 -6.47
N GLN B 253 6.09 21.66 -7.13
CA GLN B 253 7.02 22.33 -8.03
C GLN B 253 8.31 22.78 -7.32
N ASP B 254 8.25 22.88 -5.99
CA ASP B 254 9.43 23.28 -5.21
C ASP B 254 10.38 22.12 -4.96
N GLY B 255 9.89 20.91 -5.18
CA GLY B 255 10.68 19.71 -4.95
C GLY B 255 10.28 18.99 -3.69
N ASP B 256 9.22 19.46 -3.02
CA ASP B 256 8.69 18.78 -1.85
C ASP B 256 7.90 17.54 -2.23
N LEU B 257 8.12 16.46 -1.49
CA LEU B 257 7.48 15.19 -1.80
C LEU B 257 6.14 15.13 -1.07
N LEU B 258 5.07 15.11 -1.85
CA LEU B 258 3.71 15.22 -1.33
C LEU B 258 3.12 13.88 -0.88
N ALA B 259 2.99 12.92 -1.81
CA ALA B 259 2.50 11.60 -1.45
C ALA B 259 3.16 10.49 -2.26
N THR B 260 2.98 9.27 -1.77
CA THR B 260 3.46 8.09 -2.46
C THR B 260 2.30 7.13 -2.59
N THR B 261 2.24 6.39 -3.70
CA THR B 261 1.15 5.44 -3.92
C THR B 261 1.59 4.16 -4.54
N THR B 262 0.82 3.13 -4.25
CA THR B 262 0.94 1.85 -4.92
C THR B 262 -0.43 1.41 -5.42
N GLN B 263 -0.39 0.58 -6.45
CA GLN B 263 -1.59 0.10 -7.08
C GLN B 263 -1.34 -1.33 -7.48
N LEU B 264 -2.30 -2.21 -7.19
CA LEU B 264 -2.25 -3.56 -7.72
C LEU B 264 -3.33 -3.71 -8.78
N VAL B 265 -2.95 -4.12 -9.96
CA VAL B 265 -3.89 -4.08 -11.06
C VAL B 265 -3.98 -5.38 -11.83
N TYR B 266 -5.21 -5.88 -11.91
CA TYR B 266 -5.54 -6.99 -12.78
C TYR B 266 -5.27 -6.66 -14.23
N LYS B 268 -5.26 -8.41 -18.38
CA LYS B 268 -5.74 -9.51 -19.25
C LYS B 268 -4.84 -10.05 -20.40
N ALA B 269 -3.60 -9.58 -20.51
CA ALA B 269 -2.73 -10.03 -21.61
C ALA B 269 -2.34 -11.52 -21.61
N PRO B 270 -2.79 -12.27 -22.61
CA PRO B 270 -2.34 -13.64 -22.88
C PRO B 270 -1.20 -13.67 -23.90
N VAL B 271 -0.74 -14.87 -24.23
CA VAL B 271 0.43 -15.04 -25.10
C VAL B 271 0.07 -15.24 -26.58
#